data_9JQ8
#
_entry.id   9JQ8
#
_cell.length_a   101.245
_cell.length_b   33.470
_cell.length_c   58.219
_cell.angle_alpha   90.000
_cell.angle_beta   111.860
_cell.angle_gamma   90.000
#
_symmetry.space_group_name_H-M   'C 1 2 1'
#
loop_
_entity.id
_entity.type
_entity.pdbx_description
1 polymer 'Roadblock/LC7 domain protein'
2 water water
#
_entity_poly.entity_id   1
_entity_poly.type   'polypeptide(L)'
_entity_poly.pdbx_seq_one_letter_code
;MSSKEELAPKLESIMSEISVCEGLVLAKNNGDVLIGQTLTEMDHNSIAKSVSKMFKTKIDALNKGNLLEMTLGMDEGFLI
AVKNNDLMVLGFLGPDGRSSVGLLLRQLKNIMK
;
_entity_poly.pdbx_strand_id   A,B
#
# COMPACT_ATOMS: atom_id res chain seq x y z
N GLU A 5 17.45 -17.10 -12.01
CA GLU A 5 18.00 -18.45 -11.94
C GLU A 5 17.61 -19.12 -10.63
N GLU A 6 17.85 -18.44 -9.50
CA GLU A 6 17.43 -18.94 -8.21
C GLU A 6 16.05 -18.43 -7.81
N LEU A 7 15.53 -17.41 -8.49
CA LEU A 7 14.21 -16.86 -8.18
C LEU A 7 13.11 -17.38 -9.09
N ALA A 8 13.43 -17.85 -10.30
CA ALA A 8 12.39 -18.34 -11.21
C ALA A 8 11.63 -19.55 -10.67
N PRO A 9 12.28 -20.59 -10.14
CA PRO A 9 11.49 -21.67 -9.52
C PRO A 9 10.74 -21.22 -8.27
N LYS A 10 11.17 -20.15 -7.61
CA LYS A 10 10.44 -19.66 -6.45
C LYS A 10 9.13 -18.99 -6.87
N LEU A 11 9.14 -18.27 -7.99
CA LEU A 11 7.90 -17.68 -8.48
C LEU A 11 6.90 -18.77 -8.87
N GLU A 12 7.38 -19.78 -9.60
CA GLU A 12 6.53 -20.91 -9.94
C GLU A 12 5.97 -21.56 -8.68
N SER A 13 6.79 -21.70 -7.64
CA SER A 13 6.32 -22.33 -6.42
C SER A 13 5.23 -21.51 -5.75
N ILE A 14 5.39 -20.18 -5.73
CA ILE A 14 4.37 -19.30 -5.14
C ILE A 14 3.07 -19.42 -5.92
N MET A 15 3.16 -19.40 -7.25
CA MET A 15 1.98 -19.48 -8.09
C MET A 15 1.25 -20.80 -7.93
N SER A 16 2.00 -21.89 -7.77
CA SER A 16 1.36 -23.20 -7.57
C SER A 16 0.73 -23.32 -6.18
N GLU A 17 1.20 -22.55 -5.19
CA GLU A 17 0.71 -22.61 -3.82
C GLU A 17 -0.47 -21.68 -3.59
N ILE A 18 -0.46 -20.52 -4.25
CA ILE A 18 -1.52 -19.54 -4.07
C ILE A 18 -2.31 -19.42 -5.37
N SER A 19 -3.40 -20.18 -5.47
CA SER A 19 -4.13 -20.27 -6.72
C SER A 19 -4.76 -18.94 -7.11
N VAL A 20 -5.11 -18.12 -6.12
CA VAL A 20 -5.70 -16.83 -6.41
C VAL A 20 -4.69 -15.81 -6.93
N CYS A 21 -3.40 -16.09 -6.82
CA CYS A 21 -2.39 -15.18 -7.38
C CYS A 21 -2.48 -15.17 -8.90
N GLU A 22 -2.69 -13.99 -9.48
CA GLU A 22 -2.86 -13.90 -10.93
C GLU A 22 -1.55 -13.66 -11.67
N GLY A 23 -0.47 -13.44 -10.95
CA GLY A 23 0.79 -13.21 -11.61
C GLY A 23 1.84 -12.65 -10.68
N LEU A 24 3.09 -12.81 -11.08
CA LEU A 24 4.25 -12.29 -10.38
C LEU A 24 5.15 -11.67 -11.42
N VAL A 25 5.75 -10.53 -11.08
CA VAL A 25 6.73 -9.87 -11.95
C VAL A 25 7.94 -9.53 -11.11
N LEU A 26 9.10 -10.00 -11.55
CA LEU A 26 10.38 -9.61 -10.97
C LEU A 26 11.02 -8.58 -11.89
N ALA A 27 11.42 -7.45 -11.31
CA ALA A 27 11.94 -6.35 -12.13
C ALA A 27 13.14 -5.73 -11.43
N LYS A 28 13.93 -5.01 -12.21
CA LYS A 28 14.87 -4.11 -11.56
C LYS A 28 14.11 -2.92 -11.00
N ASN A 29 14.74 -2.24 -10.04
CA ASN A 29 14.08 -1.11 -9.40
C ASN A 29 13.77 0.00 -10.39
N ASN A 30 14.44 0.03 -11.55
CA ASN A 30 14.08 0.95 -12.60
C ASN A 30 12.86 0.50 -13.41
N GLY A 31 12.36 -0.72 -13.18
CA GLY A 31 11.20 -1.23 -13.87
C GLY A 31 11.49 -2.18 -15.00
N ASP A 32 12.76 -2.41 -15.34
CA ASP A 32 13.09 -3.40 -16.37
C ASP A 32 12.75 -4.80 -15.85
N VAL A 33 12.00 -5.56 -16.64
CA VAL A 33 11.43 -6.82 -16.19
C VAL A 33 12.44 -7.93 -16.39
N LEU A 34 12.70 -8.69 -15.34
CA LEU A 34 13.53 -9.89 -15.40
C LEU A 34 12.70 -11.11 -15.79
N ILE A 35 11.66 -11.41 -15.03
CA ILE A 35 10.73 -12.48 -15.37
C ILE A 35 9.34 -12.05 -14.96
N GLY A 36 8.37 -12.33 -15.83
CA GLY A 36 6.99 -12.08 -15.52
C GLY A 36 6.15 -13.29 -15.86
N GLN A 37 5.33 -13.74 -14.93
CA GLN A 37 4.48 -14.92 -15.12
C GLN A 37 3.08 -14.52 -14.69
N THR A 38 2.17 -14.33 -15.66
CA THR A 38 0.79 -13.98 -15.36
C THR A 38 -0.16 -14.97 -16.04
N LEU A 39 -1.32 -15.18 -15.41
CA LEU A 39 -2.30 -16.12 -15.95
C LEU A 39 -2.97 -15.60 -17.21
N THR A 40 -3.06 -14.28 -17.35
CA THR A 40 -3.56 -13.63 -18.56
C THR A 40 -2.48 -12.73 -19.13
N GLU A 41 -2.62 -12.40 -20.40
CA GLU A 41 -1.67 -11.52 -21.07
C GLU A 41 -1.72 -10.12 -20.46
N MET A 42 -0.57 -9.63 -19.99
CA MET A 42 -0.50 -8.29 -19.43
C MET A 42 0.84 -7.69 -19.82
N ASP A 43 0.84 -6.37 -20.06
CA ASP A 43 2.08 -5.66 -20.31
C ASP A 43 2.85 -5.54 -19.01
N HIS A 44 3.69 -6.55 -18.73
CA HIS A 44 4.45 -6.56 -17.48
C HIS A 44 5.34 -5.33 -17.37
N ASN A 45 5.92 -4.90 -18.48
CA ASN A 45 6.84 -3.76 -18.45
C ASN A 45 6.13 -2.48 -18.05
N SER A 46 4.91 -2.26 -18.55
CA SER A 46 4.20 -1.04 -18.19
C SER A 46 3.81 -1.06 -16.71
N ILE A 47 3.43 -2.22 -16.19
CA ILE A 47 3.07 -2.32 -14.78
C ILE A 47 4.30 -2.09 -13.91
N ALA A 48 5.42 -2.73 -14.25
CA ALA A 48 6.64 -2.57 -13.47
C ALA A 48 7.10 -1.12 -13.47
N LYS A 49 6.99 -0.45 -14.63
CA LYS A 49 7.35 0.96 -14.71
C LYS A 49 6.48 1.81 -13.81
N SER A 50 5.16 1.58 -13.84
CA SER A 50 4.25 2.32 -12.97
C SER A 50 4.62 2.14 -11.51
N VAL A 51 4.83 0.89 -11.08
CA VAL A 51 5.17 0.60 -9.69
C VAL A 51 6.53 1.18 -9.33
N SER A 52 7.52 1.03 -10.21
CA SER A 52 8.83 1.64 -9.97
C SER A 52 8.69 3.11 -9.64
N LYS A 53 7.91 3.84 -10.44
CA LYS A 53 7.75 5.26 -10.20
C LYS A 53 7.01 5.52 -8.89
N MET A 54 6.08 4.65 -8.52
CA MET A 54 5.43 4.76 -7.21
C MET A 54 6.42 4.60 -6.08
N PHE A 55 7.36 3.64 -6.22
CA PHE A 55 8.36 3.43 -5.19
C PHE A 55 9.26 4.65 -5.04
N LYS A 56 9.30 5.54 -6.03
CA LYS A 56 10.12 6.74 -5.95
C LYS A 56 9.40 7.93 -5.33
N THR A 57 8.15 7.75 -4.90
CA THR A 57 7.39 8.84 -4.31
C THR A 57 8.10 9.35 -3.06
N LYS A 58 8.27 10.66 -2.96
CA LYS A 58 8.92 11.27 -1.82
C LYS A 58 7.89 11.48 -0.72
N ILE A 59 8.16 10.92 0.45
CA ILE A 59 7.30 11.11 1.61
C ILE A 59 8.21 11.33 2.81
N ASP A 60 9.19 12.24 2.67
CA ASP A 60 10.10 12.48 3.78
C ASP A 60 9.38 13.10 4.96
N ALA A 61 8.29 13.83 4.71
CA ALA A 61 7.57 14.47 5.81
C ALA A 61 6.98 13.45 6.76
N LEU A 62 6.91 12.19 6.33
CA LEU A 62 6.47 11.14 7.21
C LEU A 62 7.52 10.81 8.27
N ASN A 63 8.78 11.14 8.00
CA ASN A 63 9.88 10.90 8.94
C ASN A 63 10.04 9.41 9.23
N LYS A 64 9.81 8.58 8.23
CA LYS A 64 9.92 7.14 8.41
C LYS A 64 10.92 6.51 7.45
N GLY A 65 11.76 7.32 6.80
CA GLY A 65 12.77 6.77 5.91
C GLY A 65 12.19 6.33 4.58
N ASN A 66 12.79 5.29 4.02
CA ASN A 66 12.49 4.86 2.66
C ASN A 66 11.28 3.94 2.59
N LEU A 67 10.60 3.99 1.46
CA LEU A 67 9.46 3.12 1.16
C LEU A 67 9.97 1.77 0.66
N LEU A 68 9.58 0.68 1.34
CA LEU A 68 10.11 -0.66 1.07
C LEU A 68 9.07 -1.67 0.59
N GLU A 69 7.81 -1.50 0.94
CA GLU A 69 6.74 -2.44 0.59
C GLU A 69 5.46 -1.65 0.34
N MET A 70 4.66 -2.13 -0.60
CA MET A 70 3.36 -1.53 -0.83
C MET A 70 2.33 -2.64 -1.00
N THR A 71 1.17 -2.48 -0.37
CA THR A 71 0.01 -3.34 -0.58
C THR A 71 -1.09 -2.42 -1.08
N LEU A 72 -1.49 -2.61 -2.33
CA LEU A 72 -2.43 -1.71 -3.00
C LEU A 72 -3.76 -2.41 -3.18
N GLY A 73 -4.82 -1.83 -2.60
CA GLY A 73 -6.16 -2.34 -2.78
C GLY A 73 -6.84 -1.58 -3.91
N MET A 74 -7.28 -2.33 -4.93
CA MET A 74 -7.85 -1.75 -6.13
C MET A 74 -9.32 -2.12 -6.23
N ASP A 75 -9.97 -1.53 -7.22
CA ASP A 75 -11.36 -1.87 -7.50
C ASP A 75 -11.51 -3.36 -7.76
N GLU A 76 -10.54 -3.95 -8.45
CA GLU A 76 -10.65 -5.31 -8.97
C GLU A 76 -9.60 -6.24 -8.36
N GLY A 77 -9.09 -5.93 -7.18
CA GLY A 77 -8.12 -6.82 -6.55
C GLY A 77 -6.99 -6.11 -5.82
N PHE A 78 -5.77 -6.66 -5.89
CA PHE A 78 -4.66 -6.21 -5.07
C PHE A 78 -3.37 -6.26 -5.86
N LEU A 79 -2.48 -5.32 -5.57
CA LEU A 79 -1.10 -5.40 -6.02
C LEU A 79 -0.19 -5.29 -4.80
N ILE A 80 0.71 -6.25 -4.65
CA ILE A 80 1.69 -6.26 -3.56
C ILE A 80 3.07 -6.09 -4.19
N ALA A 81 3.89 -5.21 -3.63
CA ALA A 81 5.22 -4.97 -4.17
C ALA A 81 6.21 -4.83 -3.03
N VAL A 82 7.38 -5.44 -3.21
CA VAL A 82 8.43 -5.41 -2.21
C VAL A 82 9.72 -5.12 -2.94
N LYS A 83 10.53 -4.20 -2.43
CA LYS A 83 11.80 -3.94 -3.09
C LYS A 83 12.93 -4.14 -2.10
N ASN A 84 14.12 -4.38 -2.64
CA ASN A 84 15.35 -4.23 -1.86
C ASN A 84 16.28 -3.28 -2.61
N ASN A 85 17.58 -3.42 -2.39
CA ASN A 85 18.53 -2.50 -3.01
C ASN A 85 18.51 -2.61 -4.53
N ASP A 86 18.43 -3.84 -5.05
CA ASP A 86 18.58 -4.11 -6.47
C ASP A 86 17.26 -4.39 -7.19
N LEU A 87 16.35 -5.14 -6.58
CA LEU A 87 15.22 -5.71 -7.30
C LEU A 87 13.90 -5.31 -6.66
N MET A 88 12.83 -5.56 -7.41
CA MET A 88 11.47 -5.33 -6.95
C MET A 88 10.62 -6.49 -7.44
N VAL A 89 9.77 -7.03 -6.57
CA VAL A 89 8.88 -8.10 -6.97
C VAL A 89 7.44 -7.65 -6.75
N LEU A 90 6.58 -7.95 -7.73
CA LEU A 90 5.17 -7.59 -7.76
C LEU A 90 4.33 -8.85 -7.77
N GLY A 91 3.24 -8.86 -7.03
CA GLY A 91 2.26 -9.92 -7.13
C GLY A 91 0.86 -9.34 -7.27
N PHE A 92 0.01 -10.05 -8.00
CA PHE A 92 -1.35 -9.62 -8.31
C PHE A 92 -2.35 -10.61 -7.76
N LEU A 93 -3.42 -10.11 -7.14
CA LEU A 93 -4.51 -10.93 -6.66
C LEU A 93 -5.82 -10.37 -7.16
N GLY A 94 -6.80 -11.25 -7.38
CA GLY A 94 -8.14 -10.80 -7.68
C GLY A 94 -8.87 -10.44 -6.42
N PRO A 95 -10.09 -9.92 -6.59
CA PRO A 95 -10.89 -9.58 -5.40
C PRO A 95 -11.16 -10.77 -4.50
N ASP A 96 -11.12 -11.99 -5.05
CA ASP A 96 -11.33 -13.20 -4.26
C ASP A 96 -10.09 -13.60 -3.46
N GLY A 97 -9.11 -12.70 -3.38
CA GLY A 97 -7.86 -13.05 -2.73
C GLY A 97 -7.44 -12.24 -1.52
N ARG A 98 -8.32 -11.46 -0.90
CA ARG A 98 -7.87 -10.71 0.27
C ARG A 98 -7.42 -11.66 1.39
N SER A 99 -8.01 -12.84 1.47
CA SER A 99 -7.53 -13.77 2.49
C SER A 99 -6.07 -14.17 2.24
N SER A 100 -5.57 -14.04 1.01
CA SER A 100 -4.19 -14.43 0.71
C SER A 100 -3.23 -13.25 0.69
N VAL A 101 -3.67 -12.04 1.00
CA VAL A 101 -2.79 -10.88 0.90
C VAL A 101 -1.61 -11.01 1.85
N GLY A 102 -1.87 -11.36 3.10
CA GLY A 102 -0.78 -11.46 4.06
C GLY A 102 0.19 -12.58 3.68
N LEU A 103 -0.35 -13.70 3.21
CA LEU A 103 0.52 -14.80 2.81
C LEU A 103 1.41 -14.39 1.65
N LEU A 104 0.83 -13.79 0.60
CA LEU A 104 1.60 -13.39 -0.56
C LEU A 104 2.66 -12.37 -0.19
N LEU A 105 2.29 -11.38 0.61
CA LEU A 105 3.29 -10.42 1.07
C LEU A 105 4.41 -11.13 1.84
N ARG A 106 4.05 -12.07 2.72
CA ARG A 106 5.06 -12.76 3.49
C ARG A 106 5.99 -13.54 2.58
N GLN A 107 5.45 -14.17 1.53
CA GLN A 107 6.29 -14.94 0.60
C GLN A 107 7.18 -14.03 -0.23
N LEU A 108 6.65 -12.88 -0.68
CA LEU A 108 7.47 -11.95 -1.44
C LEU A 108 8.59 -11.38 -0.58
N LYS A 109 8.27 -11.02 0.68
CA LYS A 109 9.32 -10.55 1.58
C LYS A 109 10.40 -11.61 1.80
N ASN A 110 10.00 -12.88 1.88
CA ASN A 110 10.97 -13.96 2.09
C ASN A 110 11.97 -14.06 0.95
N ILE A 111 11.48 -13.98 -0.29
CA ILE A 111 12.39 -14.19 -1.42
C ILE A 111 13.18 -12.94 -1.77
N MET A 112 12.79 -11.76 -1.28
CA MET A 112 13.57 -10.56 -1.48
C MET A 112 14.66 -10.38 -0.43
N LYS A 113 14.86 -11.39 0.42
CA LYS A 113 15.80 -11.35 1.54
C LYS A 113 15.47 -10.18 2.45
N SER B 2 -21.12 18.24 9.23
CA SER B 2 -19.93 18.26 8.39
C SER B 2 -19.16 16.96 8.55
N SER B 3 -18.38 16.61 7.53
CA SER B 3 -17.53 15.42 7.60
C SER B 3 -16.54 15.50 8.77
N LYS B 4 -15.93 16.67 8.97
CA LYS B 4 -15.03 16.85 10.11
C LYS B 4 -15.75 16.53 11.41
N GLU B 5 -16.99 17.03 11.56
CA GLU B 5 -17.70 16.81 12.81
C GLU B 5 -18.10 15.35 13.00
N GLU B 6 -18.43 14.65 11.93
CA GLU B 6 -18.91 13.27 12.08
C GLU B 6 -17.77 12.29 12.29
N LEU B 7 -16.65 12.51 11.62
CA LEU B 7 -15.55 11.57 11.67
C LEU B 7 -14.57 11.83 12.80
N ALA B 8 -14.49 13.08 13.31
CA ALA B 8 -13.53 13.38 14.36
C ALA B 8 -13.66 12.46 15.58
N PRO B 9 -14.85 12.24 16.15
CA PRO B 9 -14.91 11.32 17.31
C PRO B 9 -14.54 9.89 16.96
N LYS B 10 -14.86 9.46 15.73
CA LYS B 10 -14.50 8.11 15.31
C LYS B 10 -12.99 7.95 15.22
N LEU B 11 -12.30 8.95 14.67
CA LEU B 11 -10.85 8.89 14.60
C LEU B 11 -10.22 8.94 15.99
N GLU B 12 -10.75 9.79 16.86
CA GLU B 12 -10.22 9.86 18.22
C GLU B 12 -10.40 8.53 18.94
N SER B 13 -11.55 7.87 18.72
CA SER B 13 -11.78 6.55 19.32
C SER B 13 -10.75 5.53 18.82
N ILE B 14 -10.37 5.62 17.55
CA ILE B 14 -9.37 4.70 17.02
C ILE B 14 -8.01 4.99 17.65
N MET B 15 -7.67 6.27 17.85
CA MET B 15 -6.40 6.62 18.48
C MET B 15 -6.30 6.08 19.89
N SER B 16 -7.41 6.06 20.62
CA SER B 16 -7.34 5.63 22.01
C SER B 16 -7.41 4.11 22.13
N GLU B 17 -8.09 3.44 21.18
CA GLU B 17 -8.15 1.98 21.16
C GLU B 17 -6.84 1.38 20.66
N ILE B 18 -6.24 1.97 19.63
CA ILE B 18 -4.97 1.52 19.08
C ILE B 18 -3.92 2.47 19.60
N SER B 19 -3.42 2.19 20.81
CA SER B 19 -2.49 3.10 21.46
C SER B 19 -1.20 3.24 20.67
N VAL B 20 -0.85 2.24 19.84
CA VAL B 20 0.35 2.34 19.03
C VAL B 20 0.16 3.13 17.76
N CYS B 21 -1.06 3.59 17.47
CA CYS B 21 -1.25 4.44 16.30
C CYS B 21 -0.66 5.81 16.58
N GLU B 22 0.21 6.30 15.67
CA GLU B 22 0.92 7.56 15.88
C GLU B 22 0.19 8.77 15.32
N GLY B 23 -0.91 8.58 14.62
CA GLY B 23 -1.64 9.70 14.13
C GLY B 23 -2.67 9.30 13.11
N LEU B 24 -3.74 10.08 13.01
CA LEU B 24 -4.77 9.89 12.00
C LEU B 24 -5.07 11.25 11.40
N VAL B 25 -5.05 11.33 10.07
CA VAL B 25 -5.26 12.58 9.35
C VAL B 25 -6.37 12.37 8.34
N LEU B 26 -7.36 13.26 8.35
CA LEU B 26 -8.46 13.25 7.38
C LEU B 26 -8.25 14.35 6.36
N ALA B 27 -8.28 13.99 5.07
CA ALA B 27 -8.08 14.99 4.02
C ALA B 27 -9.11 14.79 2.92
N LYS B 28 -9.33 15.84 2.14
CA LYS B 28 -10.02 15.64 0.89
C LYS B 28 -9.13 14.84 -0.05
N ASN B 29 -9.75 14.22 -1.06
CA ASN B 29 -8.96 13.41 -1.98
C ASN B 29 -7.91 14.24 -2.72
N ASN B 30 -8.09 15.57 -2.80
CA ASN B 30 -7.07 16.42 -3.40
C ASN B 30 -5.93 16.76 -2.44
N GLY B 31 -5.92 16.18 -1.25
CA GLY B 31 -4.85 16.40 -0.31
C GLY B 31 -5.07 17.52 0.69
N ASP B 32 -6.17 18.27 0.60
CA ASP B 32 -6.44 19.35 1.56
C ASP B 32 -6.80 18.75 2.92
N VAL B 33 -6.02 19.07 3.95
CA VAL B 33 -6.23 18.42 5.25
C VAL B 33 -7.39 19.08 5.98
N LEU B 34 -8.32 18.25 6.45
CA LEU B 34 -9.48 18.71 7.18
C LEU B 34 -9.22 18.72 8.69
N ILE B 35 -8.87 17.57 9.26
CA ILE B 35 -8.51 17.44 10.67
C ILE B 35 -7.32 16.48 10.78
N GLY B 36 -6.59 16.64 11.86
CA GLY B 36 -5.49 15.73 12.14
C GLY B 36 -5.24 15.62 13.63
N GLN B 37 -4.73 14.46 14.04
CA GLN B 37 -4.26 14.23 15.40
C GLN B 37 -3.03 13.36 15.29
N THR B 38 -1.91 13.81 15.83
CA THR B 38 -0.69 13.02 15.77
C THR B 38 0.01 13.09 17.12
N LEU B 39 0.73 12.02 17.43
CA LEU B 39 1.50 11.94 18.68
C LEU B 39 2.84 12.65 18.60
N THR B 40 3.22 13.13 17.42
CA THR B 40 4.45 13.88 17.20
C THR B 40 4.14 15.10 16.33
N GLU B 41 5.08 16.03 16.27
CA GLU B 41 4.94 17.18 15.39
C GLU B 41 5.16 16.76 13.95
N MET B 42 4.12 16.84 13.13
CA MET B 42 4.23 16.35 11.77
C MET B 42 3.67 17.39 10.81
N ASP B 43 4.20 17.38 9.60
CA ASP B 43 3.72 18.25 8.53
C ASP B 43 2.58 17.50 7.85
N HIS B 44 1.37 17.66 8.38
CA HIS B 44 0.24 16.91 7.84
C HIS B 44 0.00 17.28 6.39
N ASN B 45 0.12 18.57 6.07
CA ASN B 45 -0.25 19.03 4.74
C ASN B 45 0.62 18.37 3.69
N SER B 46 1.93 18.34 3.92
CA SER B 46 2.83 17.74 2.94
C SER B 46 2.58 16.24 2.81
N ILE B 47 2.35 15.57 3.93
CA ILE B 47 2.09 14.12 3.85
C ILE B 47 0.84 13.84 3.05
N ALA B 48 -0.23 14.61 3.31
CA ALA B 48 -1.48 14.36 2.60
C ALA B 48 -1.35 14.68 1.12
N LYS B 49 -0.58 15.72 0.78
CA LYS B 49 -0.35 16.02 -0.63
C LYS B 49 0.32 14.84 -1.33
N SER B 50 1.31 14.23 -0.66
CA SER B 50 2.04 13.11 -1.24
C SER B 50 1.14 11.89 -1.40
N VAL B 51 0.32 11.61 -0.40
CA VAL B 51 -0.57 10.45 -0.47
C VAL B 51 -1.66 10.67 -1.49
N SER B 52 -2.17 11.89 -1.62
CA SER B 52 -3.09 12.24 -2.69
C SER B 52 -2.52 11.89 -4.05
N LYS B 53 -1.24 12.21 -4.28
CA LYS B 53 -0.66 11.95 -5.59
C LYS B 53 -0.45 10.46 -5.83
N MET B 54 -0.08 9.71 -4.79
CA MET B 54 0.03 8.26 -4.92
C MET B 54 -1.32 7.64 -5.27
N PHE B 55 -2.40 8.10 -4.63
CA PHE B 55 -3.72 7.57 -4.96
C PHE B 55 -4.10 7.84 -6.40
N LYS B 56 -3.47 8.81 -7.05
CA LYS B 56 -3.82 9.11 -8.44
C LYS B 56 -3.02 8.29 -9.43
N THR B 57 -2.09 7.46 -8.95
CA THR B 57 -1.28 6.61 -9.83
C THR B 57 -2.16 5.76 -10.72
N LYS B 58 -1.92 5.85 -12.02
CA LYS B 58 -2.60 5.02 -13.00
C LYS B 58 -1.71 3.81 -13.28
N ILE B 59 -2.18 2.63 -12.90
CA ILE B 59 -1.52 1.41 -13.31
C ILE B 59 -2.43 0.75 -14.34
N ASP B 60 -2.60 1.43 -15.49
CA ASP B 60 -3.66 1.07 -16.43
C ASP B 60 -3.43 -0.32 -17.02
N ALA B 61 -2.17 -0.69 -17.25
CA ALA B 61 -1.89 -2.01 -17.81
C ALA B 61 -2.32 -3.14 -16.88
N LEU B 62 -2.67 -2.83 -15.63
CA LEU B 62 -3.16 -3.84 -14.69
C LEU B 62 -4.66 -4.10 -14.84
N ASN B 63 -5.42 -3.09 -15.28
CA ASN B 63 -6.86 -3.23 -15.53
C ASN B 63 -7.60 -3.69 -14.28
N LYS B 64 -7.20 -3.14 -13.14
CA LYS B 64 -7.88 -3.46 -11.90
C LYS B 64 -8.62 -2.24 -11.35
N GLY B 65 -8.68 -1.15 -12.13
CA GLY B 65 -9.44 0.00 -11.74
C GLY B 65 -8.63 0.93 -10.84
N ASN B 66 -9.37 1.69 -10.04
CA ASN B 66 -8.77 2.74 -9.23
C ASN B 66 -8.20 2.19 -7.94
N LEU B 67 -7.21 2.92 -7.40
CA LEU B 67 -6.63 2.62 -6.12
C LEU B 67 -7.55 3.13 -5.01
N LEU B 68 -7.86 2.27 -4.05
CA LEU B 68 -8.76 2.64 -2.96
C LEU B 68 -8.13 2.51 -1.58
N GLU B 69 -7.11 1.69 -1.41
CA GLU B 69 -6.43 1.62 -0.13
C GLU B 69 -4.96 1.33 -0.36
N MET B 70 -4.12 1.83 0.53
CA MET B 70 -2.70 1.61 0.42
C MET B 70 -2.15 1.32 1.81
N THR B 71 -1.29 0.31 1.88
CA THR B 71 -0.49 0.05 3.06
C THR B 71 0.98 0.18 2.65
N LEU B 72 1.68 1.14 3.24
CA LEU B 72 3.06 1.43 2.87
C LEU B 72 3.96 1.02 4.02
N GLY B 73 4.91 0.11 3.75
CA GLY B 73 5.89 -0.28 4.74
C GLY B 73 7.17 0.50 4.56
N MET B 74 7.58 1.23 5.59
CA MET B 74 8.73 2.13 5.56
C MET B 74 9.81 1.61 6.48
N ASP B 75 11.01 2.19 6.32
CA ASP B 75 12.10 1.95 7.26
C ASP B 75 11.64 1.98 8.71
N GLU B 76 10.87 3.01 9.07
CA GLU B 76 10.52 3.27 10.47
C GLU B 76 9.03 3.17 10.72
N GLY B 77 8.33 2.33 9.97
CA GLY B 77 6.94 2.11 10.30
C GLY B 77 6.03 1.94 9.08
N PHE B 78 4.79 2.37 9.23
CA PHE B 78 3.78 2.11 8.21
C PHE B 78 2.87 3.32 8.07
N LEU B 79 2.39 3.51 6.85
CA LEU B 79 1.28 4.41 6.59
C LEU B 79 0.18 3.59 5.97
N ILE B 80 -1.03 3.73 6.50
CA ILE B 80 -2.22 3.11 5.93
C ILE B 80 -3.11 4.23 5.44
N ALA B 81 -3.62 4.11 4.22
CA ALA B 81 -4.48 5.14 3.64
C ALA B 81 -5.69 4.46 3.03
N VAL B 82 -6.88 4.98 3.33
CA VAL B 82 -8.13 4.47 2.78
C VAL B 82 -8.89 5.66 2.23
N LYS B 83 -9.45 5.55 1.03
CA LYS B 83 -10.19 6.66 0.45
C LYS B 83 -11.57 6.18 0.03
N ASN B 84 -12.52 7.11 0.04
CA ASN B 84 -13.77 6.88 -0.64
C ASN B 84 -13.84 7.90 -1.78
N ASN B 85 -15.04 8.15 -2.29
CA ASN B 85 -15.09 9.04 -3.43
C ASN B 85 -14.85 10.50 -3.06
N ASP B 86 -14.83 10.86 -1.78
CA ASP B 86 -14.66 12.26 -1.41
C ASP B 86 -13.48 12.51 -0.49
N LEU B 87 -13.22 11.62 0.45
CA LEU B 87 -12.23 11.83 1.49
C LEU B 87 -11.23 10.70 1.51
N MET B 88 -10.12 10.96 2.17
CA MET B 88 -9.18 9.90 2.47
C MET B 88 -8.69 10.07 3.88
N VAL B 89 -8.43 8.96 4.55
CA VAL B 89 -7.89 8.97 5.91
C VAL B 89 -6.54 8.30 5.89
N LEU B 90 -5.60 8.87 6.63
CA LEU B 90 -4.23 8.37 6.71
C LEU B 90 -3.91 8.02 8.14
N GLY B 91 -3.33 6.85 8.38
CA GLY B 91 -2.92 6.46 9.71
C GLY B 91 -1.46 6.04 9.70
N PHE B 92 -0.78 6.30 10.82
CA PHE B 92 0.66 6.09 10.98
C PHE B 92 0.94 5.09 12.08
N LEU B 93 1.87 4.18 11.83
CA LEU B 93 2.29 3.20 12.83
C LEU B 93 3.80 3.21 12.90
N GLY B 94 4.31 2.94 14.11
CA GLY B 94 5.74 2.85 14.31
C GLY B 94 6.32 1.55 13.79
N PRO B 95 7.63 1.39 13.97
CA PRO B 95 8.33 0.25 13.35
C PRO B 95 7.91 -1.10 13.91
N ASP B 96 7.47 -1.17 15.16
CA ASP B 96 6.98 -2.42 15.73
C ASP B 96 5.49 -2.64 15.46
N GLY B 97 4.87 -1.79 14.66
CA GLY B 97 3.43 -1.82 14.53
C GLY B 97 2.87 -2.79 13.52
N ARG B 98 3.70 -3.66 12.93
CA ARG B 98 3.18 -4.57 11.91
C ARG B 98 1.96 -5.34 12.42
N SER B 99 1.95 -5.71 13.70
CA SER B 99 0.85 -6.52 14.22
C SER B 99 -0.47 -5.77 14.29
N SER B 100 -0.45 -4.43 14.19
CA SER B 100 -1.68 -3.65 14.21
C SER B 100 -2.09 -3.14 12.82
N VAL B 101 -1.32 -3.46 11.78
CA VAL B 101 -1.62 -2.92 10.45
C VAL B 101 -3.00 -3.37 9.98
N GLY B 102 -3.28 -4.67 10.11
CA GLY B 102 -4.57 -5.18 9.67
C GLY B 102 -5.72 -4.60 10.46
N LEU B 103 -5.54 -4.47 11.77
CA LEU B 103 -6.55 -3.85 12.62
C LEU B 103 -6.82 -2.41 12.20
N LEU B 104 -5.77 -1.63 12.03
CA LEU B 104 -5.95 -0.22 11.66
C LEU B 104 -6.62 -0.09 10.30
N LEU B 105 -6.17 -0.88 9.32
CA LEU B 105 -6.77 -0.81 7.99
C LEU B 105 -8.24 -1.16 8.04
N ARG B 106 -8.59 -2.16 8.84
CA ARG B 106 -9.97 -2.59 8.96
C ARG B 106 -10.84 -1.51 9.63
N GLN B 107 -10.32 -0.86 10.68
CA GLN B 107 -11.08 0.20 11.35
C GLN B 107 -11.30 1.38 10.42
N LEU B 108 -10.29 1.74 9.63
CA LEU B 108 -10.41 2.89 8.73
C LEU B 108 -11.36 2.59 7.58
N LYS B 109 -11.31 1.37 7.04
CA LYS B 109 -12.25 1.02 6.00
C LYS B 109 -13.67 1.11 6.51
N ASN B 110 -13.90 0.71 7.76
CA ASN B 110 -15.23 0.71 8.34
C ASN B 110 -15.82 2.12 8.37
N ILE B 111 -15.00 3.10 8.78
CA ILE B 111 -15.50 4.47 8.93
C ILE B 111 -15.54 5.23 7.61
N MET B 112 -14.88 4.71 6.58
CA MET B 112 -14.91 5.34 5.27
C MET B 112 -15.85 4.64 4.29
N LYS B 113 -16.42 3.51 4.67
CA LYS B 113 -17.20 2.61 3.81
C LYS B 113 -17.92 3.27 2.64
#